data_5E4B
#
_entry.id   5E4B
#
_cell.length_a   73.362
_cell.length_b   94.135
_cell.length_c   116.143
_cell.angle_alpha   90.00
_cell.angle_beta   90.00
_cell.angle_gamma   90.00
#
_symmetry.space_group_name_H-M   'I 2 2 2'
#
loop_
_entity.id
_entity.type
_entity.pdbx_description
1 polymer 'Hydroxynitrile lyase'
2 non-polymer benzaldehyde
3 non-polymer (2R)-hydroxy(phenyl)ethanenitrile
4 water water
#
_entity_poly.entity_id   1
_entity_poly.type   'polypeptide(L)'
_entity_poly.pdbx_seq_one_letter_code
;MSYYHHHHHHDYDIPTTENLYFQGAMAGTGGGAEQFQLRGVLWGKAYSWKITGTTIDKVWSIVGDYVRVDNWVSSVVKSS
HVVSGEANQTGCVRRFVCYPASEGESETVDYSELIHMNAAAHQYMYMIVGGNITGFSLMKNYVSNISLSSLPEEDGGGVI
FYWSFTAEPASNLTEQKCIEIVFPLYTTALKDLCTHLSIPESSVTLLDD
;
_entity_poly.pdbx_strand_id   A,B
#
loop_
_chem_comp.id
_chem_comp.type
_chem_comp.name
_chem_comp.formula
HBX non-polymer benzaldehyde 'C7 H6 O'
MXN non-polymer (2R)-hydroxy(phenyl)ethanenitrile 'C8 H7 N O'
#
# COMPACT_ATOMS: atom_id res chain seq x y z
N GLU A 34 24.15 9.72 12.63
CA GLU A 34 24.69 9.73 11.28
C GLU A 34 25.13 8.34 10.83
N GLN A 35 24.33 7.34 11.18
CA GLN A 35 24.56 5.99 10.68
C GLN A 35 23.24 5.28 10.38
N PHE A 36 23.33 4.18 9.64
CA PHE A 36 22.15 3.47 9.19
C PHE A 36 22.50 2.02 8.93
N GLN A 37 21.48 1.16 8.94
CA GLN A 37 21.68 -0.26 8.67
C GLN A 37 20.83 -0.67 7.48
N LEU A 38 21.48 -1.27 6.49
CA LEU A 38 20.78 -1.74 5.29
C LEU A 38 19.81 -2.86 5.59
N ARG A 39 18.71 -2.87 4.86
N ARG A 39 18.70 -2.85 4.87
CA ARG A 39 17.73 -3.94 4.96
CA ARG A 39 17.68 -3.90 4.95
C ARG A 39 17.53 -4.57 3.58
C ARG A 39 17.53 -4.57 3.58
N GLY A 40 16.92 -5.75 3.56
CA GLY A 40 16.64 -6.40 2.30
C GLY A 40 15.57 -5.65 1.55
N VAL A 41 15.57 -5.78 0.23
CA VAL A 41 14.55 -5.15 -0.60
C VAL A 41 13.40 -6.12 -0.84
N LEU A 42 12.32 -5.63 -1.42
CA LEU A 42 11.11 -6.42 -1.61
C LEU A 42 10.70 -6.51 -3.08
N TRP A 43 9.99 -7.58 -3.40
CA TRP A 43 9.27 -7.72 -4.65
C TRP A 43 7.83 -7.30 -4.43
N GLY A 44 7.11 -6.97 -5.49
CA GLY A 44 5.71 -6.68 -5.30
C GLY A 44 5.15 -5.75 -6.35
N LYS A 45 3.85 -5.51 -6.27
CA LYS A 45 3.18 -4.59 -7.18
C LYS A 45 1.86 -4.17 -6.59
N ALA A 46 1.46 -2.94 -6.89
CA ALA A 46 0.18 -2.38 -6.49
C ALA A 46 -0.71 -2.13 -7.69
N TYR A 47 -2.00 -2.38 -7.50
CA TYR A 47 -3.03 -2.27 -8.51
C TYR A 47 -4.18 -1.44 -8.00
N SER A 48 -4.83 -0.69 -8.88
CA SER A 48 -6.00 0.10 -8.53
C SER A 48 -7.07 -0.05 -9.59
N TRP A 49 -8.31 -0.20 -9.14
CA TRP A 49 -9.46 -0.25 -10.02
C TRP A 49 -10.46 0.85 -9.65
N LYS A 50 -11.15 1.40 -10.65
CA LYS A 50 -12.32 2.22 -10.36
C LYS A 50 -13.58 1.38 -10.56
N ILE A 51 -14.47 1.40 -9.58
CA ILE A 51 -15.71 0.63 -9.66
C ILE A 51 -16.90 1.58 -9.63
N THR A 52 -17.68 1.58 -10.71
CA THR A 52 -18.88 2.40 -10.81
C THR A 52 -20.11 1.57 -10.48
N GLY A 53 -21.22 2.26 -10.22
CA GLY A 53 -22.49 1.59 -9.95
C GLY A 53 -22.55 0.89 -8.61
N THR A 54 -21.72 1.33 -7.66
CA THR A 54 -21.72 0.76 -6.32
C THR A 54 -21.28 1.81 -5.29
N THR A 55 -21.31 1.43 -4.03
CA THR A 55 -20.86 2.31 -2.96
C THR A 55 -19.78 1.61 -2.16
N ILE A 56 -19.06 2.40 -1.36
CA ILE A 56 -17.99 1.83 -0.57
C ILE A 56 -18.56 0.85 0.45
N ASP A 57 -19.74 1.15 0.99
CA ASP A 57 -20.38 0.25 1.96
C ASP A 57 -20.73 -1.10 1.33
N LYS A 58 -21.27 -1.08 0.12
CA LYS A 58 -21.63 -2.31 -0.56
C LYS A 58 -20.39 -3.16 -0.87
N VAL A 59 -19.34 -2.50 -1.34
CA VAL A 59 -18.11 -3.24 -1.64
C VAL A 59 -17.52 -3.80 -0.35
N TRP A 60 -17.50 -2.98 0.70
CA TRP A 60 -16.90 -3.40 1.96
C TRP A 60 -17.64 -4.58 2.57
N SER A 61 -18.95 -4.67 2.37
CA SER A 61 -19.73 -5.75 2.96
C SER A 61 -19.23 -7.11 2.48
N ILE A 62 -18.61 -7.12 1.30
CA ILE A 62 -18.05 -8.34 0.72
C ILE A 62 -16.56 -8.43 0.98
N VAL A 63 -15.83 -7.37 0.66
CA VAL A 63 -14.37 -7.38 0.74
C VAL A 63 -13.90 -7.32 2.20
N GLY A 64 -14.66 -6.64 3.05
CA GLY A 64 -14.28 -6.41 4.43
C GLY A 64 -14.52 -7.60 5.34
N ASP A 65 -15.32 -8.57 4.89
CA ASP A 65 -15.57 -9.78 5.67
C ASP A 65 -14.41 -10.74 5.41
N TYR A 66 -13.28 -10.39 6.01
CA TYR A 66 -12.02 -11.08 5.83
C TYR A 66 -12.10 -12.59 6.01
N VAL A 67 -12.69 -13.04 7.11
CA VAL A 67 -12.69 -14.48 7.38
C VAL A 67 -13.69 -15.25 6.52
N ARG A 68 -14.55 -14.53 5.79
CA ARG A 68 -15.49 -15.18 4.86
C ARG A 68 -15.18 -14.82 3.40
N VAL A 69 -13.92 -15.02 3.04
CA VAL A 69 -13.47 -14.71 1.69
C VAL A 69 -14.11 -15.69 0.70
N ASP A 70 -14.67 -16.79 1.21
CA ASP A 70 -15.45 -17.70 0.36
C ASP A 70 -16.71 -17.03 -0.19
N ASN A 71 -17.19 -15.98 0.48
CA ASN A 71 -18.34 -15.24 0.00
C ASN A 71 -17.95 -14.07 -0.90
N TRP A 72 -16.65 -13.98 -1.20
CA TRP A 72 -16.15 -12.99 -2.16
C TRP A 72 -15.57 -13.73 -3.37
N VAL A 73 -14.39 -14.34 -3.22
CA VAL A 73 -13.69 -14.94 -4.36
C VAL A 73 -14.18 -16.39 -4.52
N SER A 74 -15.49 -16.51 -4.74
N SER A 74 -15.50 -16.51 -4.74
CA SER A 74 -16.19 -17.79 -4.67
CA SER A 74 -16.17 -17.80 -4.65
C SER A 74 -15.80 -18.76 -5.78
C SER A 74 -15.89 -18.74 -5.81
N SER A 75 -15.26 -18.24 -6.87
CA SER A 75 -14.87 -19.12 -7.98
C SER A 75 -13.59 -19.89 -7.62
N VAL A 76 -12.85 -19.37 -6.64
CA VAL A 76 -11.58 -19.94 -6.26
C VAL A 76 -11.66 -20.62 -4.89
N VAL A 77 -12.39 -19.97 -3.98
CA VAL A 77 -12.43 -20.36 -2.59
C VAL A 77 -13.72 -21.10 -2.27
N LYS A 78 -13.56 -22.32 -1.77
CA LYS A 78 -14.70 -23.18 -1.47
C LYS A 78 -15.30 -22.88 -0.11
N SER A 79 -14.44 -22.60 0.87
N SER A 79 -14.45 -22.64 0.87
CA SER A 79 -14.90 -22.38 2.23
CA SER A 79 -14.90 -22.38 2.23
C SER A 79 -13.84 -21.60 3.00
C SER A 79 -13.84 -21.63 3.02
N SER A 80 -14.24 -20.96 4.09
CA SER A 80 -13.32 -20.14 4.89
C SER A 80 -13.88 -19.97 6.29
N HIS A 81 -12.99 -20.04 7.28
N HIS A 81 -13.01 -20.05 7.29
CA HIS A 81 -13.37 -19.96 8.69
CA HIS A 81 -13.46 -19.74 8.65
C HIS A 81 -12.27 -19.26 9.48
C HIS A 81 -12.29 -19.35 9.53
N VAL A 82 -12.61 -18.68 10.64
CA VAL A 82 -11.58 -18.19 11.54
C VAL A 82 -11.03 -19.36 12.34
N VAL A 83 -9.71 -19.40 12.54
CA VAL A 83 -9.09 -20.49 13.32
C VAL A 83 -8.21 -20.00 14.47
N SER A 84 -8.00 -18.69 14.55
CA SER A 84 -7.32 -18.11 15.70
C SER A 84 -7.85 -16.70 15.87
N GLY A 85 -8.02 -16.28 17.12
CA GLY A 85 -8.55 -14.96 17.37
C GLY A 85 -10.03 -14.81 17.07
N GLU A 86 -10.49 -13.56 17.01
CA GLU A 86 -11.90 -13.28 16.78
C GLU A 86 -12.09 -12.86 15.34
N ALA A 87 -13.20 -13.26 14.75
CA ALA A 87 -13.46 -12.97 13.34
C ALA A 87 -13.28 -11.50 12.97
N ASN A 88 -12.42 -11.26 11.98
CA ASN A 88 -12.19 -9.94 11.41
C ASN A 88 -11.59 -8.91 12.37
N GLN A 89 -11.02 -9.39 13.46
CA GLN A 89 -10.27 -8.51 14.36
C GLN A 89 -8.77 -8.68 14.11
N THR A 90 -8.02 -7.60 14.25
CA THR A 90 -6.60 -7.67 14.00
C THR A 90 -5.95 -8.79 14.81
N GLY A 91 -5.11 -9.56 14.15
CA GLY A 91 -4.43 -10.67 14.79
C GLY A 91 -5.07 -12.01 14.47
N CYS A 92 -6.31 -11.99 13.97
CA CYS A 92 -6.98 -13.26 13.71
C CYS A 92 -6.37 -13.96 12.51
N VAL A 93 -6.61 -15.27 12.42
CA VAL A 93 -6.11 -16.09 11.32
C VAL A 93 -7.30 -16.77 10.68
N ARG A 94 -7.41 -16.65 9.36
CA ARG A 94 -8.41 -17.38 8.62
C ARG A 94 -7.78 -18.59 7.96
N ARG A 95 -8.57 -19.64 7.83
CA ARG A 95 -8.19 -20.81 7.07
C ARG A 95 -9.18 -20.96 5.92
N PHE A 96 -8.70 -20.90 4.68
CA PHE A 96 -9.66 -21.13 3.60
C PHE A 96 -9.16 -22.19 2.64
N VAL A 97 -10.14 -22.83 2.01
CA VAL A 97 -9.91 -23.98 1.15
C VAL A 97 -10.21 -23.59 -0.28
N CYS A 98 -9.28 -23.92 -1.18
CA CYS A 98 -9.44 -23.62 -2.61
C CYS A 98 -9.81 -24.86 -3.41
N TYR A 99 -10.68 -24.67 -4.39
CA TYR A 99 -11.00 -25.73 -5.33
C TYR A 99 -9.74 -26.25 -6.01
N PRO A 100 -9.75 -27.52 -6.43
CA PRO A 100 -8.61 -28.07 -7.16
C PRO A 100 -8.26 -27.25 -8.40
N ALA A 101 -6.97 -27.12 -8.68
CA ALA A 101 -6.51 -26.40 -9.86
C ALA A 101 -6.95 -27.13 -11.13
N SER A 102 -6.99 -28.45 -11.06
CA SER A 102 -7.40 -29.30 -12.17
C SER A 102 -7.97 -30.61 -11.64
N GLU A 103 -8.52 -31.43 -12.53
N GLU A 103 -8.51 -31.43 -12.55
CA GLU A 103 -9.07 -32.71 -12.10
CA GLU A 103 -8.99 -32.76 -12.18
C GLU A 103 -7.94 -33.61 -11.61
C GLU A 103 -7.87 -33.58 -11.57
N GLY A 104 -8.19 -34.33 -10.52
CA GLY A 104 -7.19 -35.18 -9.90
C GLY A 104 -6.39 -34.46 -8.84
N GLU A 105 -6.17 -33.16 -9.04
CA GLU A 105 -5.48 -32.33 -8.05
C GLU A 105 -6.32 -32.22 -6.79
N SER A 106 -5.63 -32.07 -5.65
CA SER A 106 -6.31 -31.94 -4.38
C SER A 106 -6.69 -30.49 -4.12
N GLU A 107 -7.66 -30.27 -3.23
CA GLU A 107 -7.93 -28.94 -2.71
C GLU A 107 -6.69 -28.45 -2.00
N THR A 108 -6.46 -27.14 -2.00
CA THR A 108 -5.34 -26.59 -1.24
C THR A 108 -5.84 -25.63 -0.19
N VAL A 109 -4.99 -25.31 0.78
CA VAL A 109 -5.42 -24.57 1.97
C VAL A 109 -4.55 -23.35 2.19
N ASP A 110 -5.17 -22.25 2.60
CA ASP A 110 -4.45 -21.02 2.92
C ASP A 110 -4.69 -20.68 4.38
N TYR A 111 -3.63 -20.37 5.11
CA TYR A 111 -3.75 -19.71 6.41
C TYR A 111 -3.21 -18.29 6.28
N SER A 112 -4.01 -17.30 6.64
CA SER A 112 -3.54 -15.93 6.57
C SER A 112 -3.98 -15.13 7.79
N GLU A 113 -3.06 -14.30 8.26
CA GLU A 113 -3.30 -13.52 9.45
C GLU A 113 -3.62 -12.08 9.10
N LEU A 114 -4.64 -11.52 9.74
CA LEU A 114 -5.01 -10.12 9.61
C LEU A 114 -4.02 -9.31 10.45
N ILE A 115 -3.13 -8.56 9.83
CA ILE A 115 -2.12 -7.87 10.63
C ILE A 115 -2.41 -6.38 10.80
N HIS A 116 -3.42 -5.88 10.11
CA HIS A 116 -3.96 -4.55 10.38
C HIS A 116 -5.38 -4.48 9.86
N MET A 117 -6.26 -3.88 10.64
CA MET A 117 -7.65 -3.71 10.23
C MET A 117 -8.15 -2.36 10.72
N ASN A 118 -8.68 -1.57 9.80
CA ASN A 118 -9.34 -0.32 10.14
C ASN A 118 -10.63 -0.27 9.34
N ALA A 119 -11.68 -0.86 9.89
CA ALA A 119 -12.93 -0.97 9.16
C ALA A 119 -13.55 0.38 8.88
N ALA A 120 -13.44 1.30 9.84
CA ALA A 120 -13.99 2.65 9.64
C ALA A 120 -13.34 3.31 8.44
N ALA A 121 -12.09 2.96 8.16
CA ALA A 121 -11.35 3.55 7.06
C ALA A 121 -11.28 2.59 5.87
N HIS A 122 -12.07 1.52 5.93
CA HIS A 122 -12.17 0.53 4.85
C HIS A 122 -10.83 0.06 4.31
N GLN A 123 -9.95 -0.37 5.20
CA GLN A 123 -8.63 -0.81 4.80
C GLN A 123 -8.10 -1.86 5.73
N TYR A 124 -7.38 -2.81 5.17
CA TYR A 124 -6.72 -3.82 5.98
C TYR A 124 -5.51 -4.42 5.30
N MET A 125 -4.80 -5.24 6.06
CA MET A 125 -3.53 -5.79 5.63
C MET A 125 -3.46 -7.20 6.17
N TYR A 126 -2.95 -8.14 5.38
CA TYR A 126 -2.85 -9.52 5.81
C TYR A 126 -1.62 -10.19 5.25
N MET A 127 -1.21 -11.32 5.85
N MET A 127 -1.24 -11.33 5.81
CA MET A 127 -0.06 -12.08 5.39
CA MET A 127 -0.12 -12.06 5.26
C MET A 127 -0.38 -13.57 5.40
C MET A 127 -0.34 -13.56 5.41
N ILE A 128 0.16 -14.30 4.43
CA ILE A 128 0.03 -15.74 4.45
C ILE A 128 0.99 -16.29 5.49
N VAL A 129 0.46 -17.09 6.40
CA VAL A 129 1.26 -17.64 7.49
C VAL A 129 1.29 -19.16 7.50
N GLY A 130 0.69 -19.78 6.47
CA GLY A 130 0.76 -21.23 6.36
C GLY A 130 -0.07 -21.71 5.18
N GLY A 131 -0.04 -23.01 4.93
CA GLY A 131 -0.86 -23.60 3.89
C GLY A 131 -0.08 -23.98 2.66
N ASN A 132 -0.76 -24.60 1.70
CA ASN A 132 -0.13 -25.03 0.47
C ASN A 132 -0.88 -24.48 -0.75
N ILE A 133 -1.64 -23.42 -0.54
CA ILE A 133 -2.39 -22.79 -1.61
C ILE A 133 -1.50 -22.59 -2.83
N THR A 134 -2.00 -23.03 -3.97
CA THR A 134 -1.21 -23.03 -5.19
C THR A 134 -0.62 -21.68 -5.52
N GLY A 135 0.69 -21.66 -5.77
CA GLY A 135 1.40 -20.44 -6.12
C GLY A 135 1.69 -19.53 -4.95
N PHE A 136 0.63 -19.04 -4.30
CA PHE A 136 0.80 -18.12 -3.18
C PHE A 136 1.67 -18.70 -2.05
N SER A 137 1.57 -20.00 -1.80
CA SER A 137 2.34 -20.62 -0.73
C SER A 137 3.83 -20.72 -1.06
N LEU A 138 4.18 -20.47 -2.33
CA LEU A 138 5.58 -20.50 -2.75
C LEU A 138 6.31 -19.23 -2.38
N MET A 139 5.56 -18.15 -2.18
CA MET A 139 6.19 -16.88 -1.89
C MET A 139 6.66 -16.84 -0.45
N LYS A 140 7.71 -16.07 -0.22
CA LYS A 140 8.23 -15.85 1.12
C LYS A 140 7.62 -14.59 1.70
N ASN A 141 6.87 -14.74 2.78
CA ASN A 141 6.25 -13.60 3.46
C ASN A 141 5.41 -12.74 2.53
N TYR A 142 4.44 -13.39 1.87
CA TYR A 142 3.46 -12.68 1.07
C TYR A 142 2.61 -11.83 1.99
N VAL A 143 2.59 -10.53 1.73
CA VAL A 143 1.84 -9.57 2.50
C VAL A 143 0.99 -8.77 1.52
N SER A 144 -0.28 -8.54 1.85
CA SER A 144 -1.20 -7.85 0.95
C SER A 144 -1.96 -6.75 1.67
N ASN A 145 -2.23 -5.66 0.94
CA ASN A 145 -2.98 -4.52 1.45
C ASN A 145 -4.17 -4.26 0.57
N ILE A 146 -5.33 -4.07 1.19
CA ILE A 146 -6.55 -3.65 0.48
C ILE A 146 -7.03 -2.33 1.09
N SER A 147 -7.34 -1.37 0.23
N SER A 147 -7.36 -1.36 0.25
CA SER A 147 -7.91 -0.08 0.65
CA SER A 147 -8.01 -0.16 0.77
C SER A 147 -9.08 0.26 -0.26
C SER A 147 -9.02 0.39 -0.23
N LEU A 148 -10.15 0.83 0.29
CA LEU A 148 -11.24 1.36 -0.52
C LEU A 148 -11.37 2.85 -0.25
N SER A 149 -11.63 3.61 -1.31
CA SER A 149 -11.81 5.06 -1.22
C SER A 149 -13.05 5.46 -2.02
N SER A 150 -13.76 6.48 -1.59
CA SER A 150 -14.87 7.00 -2.37
C SER A 150 -14.41 8.18 -3.22
N LEU A 151 -14.79 8.16 -4.50
CA LEU A 151 -14.55 9.33 -5.33
C LEU A 151 -15.58 10.39 -4.96
N PRO A 152 -15.27 11.67 -5.24
CA PRO A 152 -16.19 12.73 -4.86
C PRO A 152 -17.56 12.58 -5.53
N GLU A 153 -18.61 12.89 -4.78
CA GLU A 153 -19.98 12.75 -5.28
C GLU A 153 -20.22 13.67 -6.46
N GLU A 154 -19.59 14.84 -6.45
CA GLU A 154 -19.73 15.80 -7.54
C GLU A 154 -19.10 15.27 -8.82
N ASP A 155 -18.28 14.24 -8.69
CA ASP A 155 -17.64 13.62 -9.85
C ASP A 155 -18.41 12.38 -10.32
N GLY A 156 -19.48 12.04 -9.60
CA GLY A 156 -20.29 10.90 -9.96
C GLY A 156 -20.08 9.72 -9.02
N GLY A 157 -19.28 9.93 -7.99
CA GLY A 157 -19.01 8.89 -7.03
C GLY A 157 -18.24 7.74 -7.66
N GLY A 158 -18.43 6.55 -7.11
CA GLY A 158 -17.61 5.41 -7.51
C GLY A 158 -16.60 5.10 -6.42
N VAL A 159 -16.00 3.92 -6.53
CA VAL A 159 -15.05 3.45 -5.53
C VAL A 159 -13.70 3.21 -6.19
N ILE A 160 -12.63 3.64 -5.53
CA ILE A 160 -11.28 3.21 -5.89
C ILE A 160 -10.89 2.05 -5.00
N PHE A 161 -10.59 0.92 -5.63
CA PHE A 161 -10.18 -0.30 -4.94
C PHE A 161 -8.67 -0.41 -5.14
N TYR A 162 -7.90 -0.31 -4.07
CA TYR A 162 -6.45 -0.48 -4.13
C TYR A 162 -6.09 -1.84 -3.55
N TRP A 163 -5.21 -2.57 -4.22
CA TRP A 163 -4.77 -3.88 -3.77
C TRP A 163 -3.32 -4.07 -4.14
N SER A 164 -2.47 -4.27 -3.14
CA SER A 164 -1.06 -4.45 -3.40
C SER A 164 -0.53 -5.68 -2.68
N PHE A 165 0.62 -6.16 -3.12
CA PHE A 165 1.32 -7.21 -2.40
C PHE A 165 2.82 -6.96 -2.40
N THR A 166 3.49 -7.55 -1.42
CA THR A 166 4.95 -7.70 -1.45
C THR A 166 5.30 -9.14 -1.11
N ALA A 167 6.50 -9.52 -1.50
CA ALA A 167 7.08 -10.78 -1.12
C ALA A 167 8.57 -10.59 -1.01
N GLU A 168 9.23 -11.43 -0.22
CA GLU A 168 10.67 -11.34 -0.08
C GLU A 168 11.37 -12.13 -1.18
N PRO A 169 12.40 -11.54 -1.78
CA PRO A 169 13.13 -12.27 -2.81
C PRO A 169 13.63 -13.61 -2.30
N ALA A 170 13.48 -14.63 -3.12
CA ALA A 170 13.87 -15.99 -2.76
C ALA A 170 14.33 -16.71 -4.00
N SER A 171 15.18 -17.72 -3.84
N SER A 171 15.15 -17.73 -3.79
CA SER A 171 15.82 -18.35 -4.99
CA SER A 171 15.83 -18.46 -4.86
C SER A 171 14.89 -19.23 -5.84
C SER A 171 14.89 -19.19 -5.82
N ASN A 172 13.74 -19.63 -5.32
CA ASN A 172 12.85 -20.48 -6.08
C ASN A 172 11.82 -19.73 -6.93
N LEU A 173 11.86 -18.40 -6.86
CA LEU A 173 10.92 -17.58 -7.62
C LEU A 173 11.65 -16.39 -8.23
N THR A 174 10.92 -15.60 -9.00
CA THR A 174 11.38 -14.30 -9.48
C THR A 174 10.23 -13.34 -9.23
N GLU A 175 10.49 -12.04 -9.27
CA GLU A 175 9.41 -11.08 -9.13
C GLU A 175 8.36 -11.27 -10.23
N GLN A 176 8.81 -11.49 -11.45
CA GLN A 176 7.88 -11.75 -12.54
C GLN A 176 6.98 -12.95 -12.24
N LYS A 177 7.54 -14.02 -11.70
CA LYS A 177 6.72 -15.18 -11.39
C LYS A 177 5.70 -14.87 -10.30
N CYS A 178 6.06 -14.00 -9.36
CA CYS A 178 5.13 -13.59 -8.31
C CYS A 178 3.95 -12.84 -8.91
N ILE A 179 4.26 -11.91 -9.80
CA ILE A 179 3.22 -11.13 -10.44
C ILE A 179 2.30 -12.04 -11.25
N GLU A 180 2.86 -13.06 -11.89
CA GLU A 180 2.03 -13.99 -12.65
C GLU A 180 1.15 -14.89 -11.78
N ILE A 181 1.51 -15.05 -10.51
CA ILE A 181 0.66 -15.74 -9.55
C ILE A 181 -0.45 -14.81 -9.06
N VAL A 182 -0.05 -13.59 -8.71
CA VAL A 182 -0.94 -12.72 -7.97
C VAL A 182 -1.97 -12.01 -8.84
N PHE A 183 -1.53 -11.38 -9.92
CA PHE A 183 -2.45 -10.55 -10.69
C PHE A 183 -3.65 -11.30 -11.28
N PRO A 184 -3.45 -12.52 -11.77
CA PRO A 184 -4.66 -13.21 -12.26
C PRO A 184 -5.67 -13.48 -11.15
N LEU A 185 -5.19 -13.71 -9.93
CA LEU A 185 -6.12 -13.94 -8.83
C LEU A 185 -6.83 -12.64 -8.47
N TYR A 186 -6.11 -11.52 -8.38
CA TYR A 186 -6.78 -10.25 -8.12
C TYR A 186 -7.82 -9.96 -9.21
N THR A 187 -7.48 -10.26 -10.46
CA THR A 187 -8.42 -10.03 -11.56
C THR A 187 -9.68 -10.88 -11.38
N THR A 188 -9.50 -12.16 -11.08
CA THR A 188 -10.64 -13.04 -10.80
C THR A 188 -11.48 -12.51 -9.64
N ALA A 189 -10.80 -12.01 -8.61
CA ALA A 189 -11.50 -11.52 -7.43
C ALA A 189 -12.34 -10.29 -7.72
N LEU A 190 -11.85 -9.40 -8.59
CA LEU A 190 -12.63 -8.23 -8.98
C LEU A 190 -13.85 -8.68 -9.80
N LYS A 191 -13.69 -9.73 -10.60
CA LYS A 191 -14.82 -10.27 -11.35
C LYS A 191 -15.85 -10.88 -10.40
N ASP A 192 -15.38 -11.68 -9.45
CA ASP A 192 -16.27 -12.31 -8.49
C ASP A 192 -16.98 -11.28 -7.61
N LEU A 193 -16.31 -10.17 -7.32
CA LEU A 193 -16.94 -9.07 -6.57
C LEU A 193 -18.17 -8.56 -7.31
N CYS A 194 -18.06 -8.37 -8.62
CA CYS A 194 -19.19 -7.91 -9.42
C CYS A 194 -20.35 -8.87 -9.36
N THR A 195 -20.03 -10.16 -9.40
CA THR A 195 -21.07 -11.20 -9.31
C THR A 195 -21.86 -11.03 -8.02
N HIS A 196 -21.14 -10.87 -6.91
CA HIS A 196 -21.79 -10.77 -5.62
C HIS A 196 -22.51 -9.45 -5.41
N LEU A 197 -22.08 -8.41 -6.12
CA LEU A 197 -22.73 -7.10 -6.07
C LEU A 197 -23.89 -7.02 -7.06
N SER A 198 -24.02 -8.05 -7.90
N SER A 198 -24.00 -8.04 -7.90
CA SER A 198 -25.01 -8.06 -8.98
CA SER A 198 -24.98 -8.10 -8.98
C SER A 198 -24.86 -6.85 -9.88
C SER A 198 -24.86 -6.89 -9.91
N ILE A 199 -23.62 -6.54 -10.27
CA ILE A 199 -23.37 -5.47 -11.22
C ILE A 199 -22.52 -6.02 -12.37
N PRO A 200 -22.60 -5.40 -13.55
CA PRO A 200 -21.84 -6.01 -14.64
C PRO A 200 -20.33 -5.82 -14.48
N GLU A 201 -19.54 -6.70 -15.09
CA GLU A 201 -18.08 -6.61 -15.02
C GLU A 201 -17.55 -5.31 -15.57
N SER A 202 -18.31 -4.71 -16.48
CA SER A 202 -17.95 -3.43 -17.08
C SER A 202 -17.93 -2.31 -16.04
N SER A 203 -18.43 -2.60 -14.83
CA SER A 203 -18.41 -1.67 -13.72
C SER A 203 -17.00 -1.44 -13.23
N VAL A 204 -16.12 -2.38 -13.55
CA VAL A 204 -14.74 -2.35 -13.06
C VAL A 204 -13.78 -1.94 -14.16
N THR A 205 -12.98 -0.91 -13.89
CA THR A 205 -11.93 -0.50 -14.80
C THR A 205 -10.60 -0.53 -14.09
N LEU A 206 -9.66 -1.31 -14.60
CA LEU A 206 -8.30 -1.29 -14.07
C LEU A 206 -7.62 0.02 -14.45
N LEU A 207 -7.10 0.74 -13.46
CA LEU A 207 -6.44 2.01 -13.76
C LEU A 207 -5.08 1.75 -14.35
N ASP A 208 -4.72 2.57 -15.34
CA ASP A 208 -3.49 2.44 -16.13
C ASP A 208 -3.39 1.14 -16.90
N ASP A 209 -4.54 0.60 -17.30
CA ASP A 209 -4.53 -0.47 -18.30
C ASP A 209 -4.29 0.10 -19.71
N GLU B 34 -1.35 -28.12 7.37
CA GLU B 34 -2.34 -27.69 8.34
C GLU B 34 -1.68 -27.13 9.60
N GLN B 35 -0.80 -26.16 9.38
CA GLN B 35 -0.13 -25.47 10.47
C GLN B 35 0.16 -24.05 10.02
N PHE B 36 0.29 -23.14 10.99
CA PHE B 36 0.61 -21.78 10.64
C PHE B 36 1.47 -21.14 11.71
N GLN B 37 2.14 -20.06 11.34
CA GLN B 37 3.04 -19.38 12.27
C GLN B 37 2.57 -17.96 12.53
N LEU B 38 2.07 -17.73 13.74
CA LEU B 38 1.55 -16.42 14.11
C LEU B 38 2.65 -15.37 14.12
N ARG B 39 2.31 -14.18 13.70
CA ARG B 39 3.25 -13.07 13.82
C ARG B 39 2.56 -11.87 14.50
N GLY B 40 3.34 -10.83 14.76
CA GLY B 40 2.80 -9.63 15.37
C GLY B 40 2.01 -8.78 14.40
N VAL B 41 1.12 -7.93 14.94
CA VAL B 41 0.34 -7.02 14.11
C VAL B 41 1.14 -5.76 13.83
N LEU B 42 0.62 -4.94 12.93
CA LEU B 42 1.26 -3.67 12.60
C LEU B 42 0.37 -2.49 12.92
N TRP B 43 0.99 -1.33 13.03
CA TRP B 43 0.28 -0.06 13.06
C TRP B 43 0.35 0.56 11.66
N GLY B 44 -0.54 1.47 11.34
CA GLY B 44 -0.46 2.16 10.06
C GLY B 44 -1.75 2.72 9.53
N LYS B 45 -1.66 3.43 8.40
CA LYS B 45 -2.84 3.96 7.76
C LYS B 45 -2.52 4.31 6.33
N ALA B 46 -3.51 4.16 5.46
CA ALA B 46 -3.39 4.53 4.05
C ALA B 46 -4.30 5.71 3.75
N TYR B 47 -3.82 6.59 2.87
CA TYR B 47 -4.53 7.80 2.46
C TYR B 47 -4.54 7.84 0.95
N SER B 48 -5.60 8.39 0.37
CA SER B 48 -5.61 8.65 -1.07
C SER B 48 -6.14 10.05 -1.36
N TRP B 49 -5.51 10.73 -2.32
CA TRP B 49 -5.96 12.03 -2.81
C TRP B 49 -6.23 11.96 -4.29
N LYS B 50 -7.22 12.72 -4.74
CA LYS B 50 -7.43 12.98 -6.15
C LYS B 50 -6.79 14.31 -6.51
N ILE B 51 -5.99 14.32 -7.56
CA ILE B 51 -5.32 15.54 -8.01
C ILE B 51 -5.74 15.85 -9.43
N THR B 52 -6.29 17.04 -9.63
CA THR B 52 -6.72 17.46 -10.96
C THR B 52 -5.75 18.50 -11.51
N GLY B 53 -5.87 18.79 -12.79
CA GLY B 53 -5.12 19.88 -13.40
C GLY B 53 -3.66 19.62 -13.69
N THR B 54 -3.26 18.35 -13.70
CA THR B 54 -1.87 18.00 -13.98
C THR B 54 -1.87 16.65 -14.71
N THR B 55 -0.71 16.01 -14.82
CA THR B 55 -0.64 14.68 -15.40
C THR B 55 0.16 13.78 -14.46
N ILE B 56 -0.01 12.47 -14.59
CA ILE B 56 0.70 11.54 -13.73
C ILE B 56 2.20 11.64 -13.93
N ASP B 57 2.65 11.95 -15.14
N ASP B 57 2.58 11.97 -15.16
CA ASP B 57 4.11 11.98 -15.29
CA ASP B 57 3.98 12.09 -15.55
C ASP B 57 4.72 13.32 -14.83
C ASP B 57 4.63 13.26 -14.82
N LYS B 58 3.93 14.38 -14.79
CA LYS B 58 4.41 15.59 -14.12
C LYS B 58 4.49 15.38 -12.59
N VAL B 59 3.45 14.76 -12.01
CA VAL B 59 3.49 14.43 -10.59
C VAL B 59 4.67 13.52 -10.29
N TRP B 60 4.84 12.50 -11.11
CA TRP B 60 5.93 11.55 -10.90
C TRP B 60 7.31 12.19 -11.00
N SER B 61 7.50 13.20 -11.86
CA SER B 61 8.81 13.84 -11.97
C SER B 61 9.27 14.44 -10.64
N ILE B 62 8.31 14.81 -9.80
N ILE B 62 8.33 14.76 -9.77
CA ILE B 62 8.59 15.36 -8.48
CA ILE B 62 8.65 15.35 -8.48
C ILE B 62 8.64 14.24 -7.46
C ILE B 62 8.59 14.33 -7.35
N VAL B 63 7.54 13.51 -7.36
CA VAL B 63 7.33 12.53 -6.31
C VAL B 63 8.25 11.31 -6.45
N GLY B 64 8.53 10.93 -7.70
CA GLY B 64 9.32 9.74 -7.94
C GLY B 64 10.82 9.94 -7.89
N ASP B 65 11.28 11.19 -7.80
CA ASP B 65 12.72 11.47 -7.71
C ASP B 65 13.12 11.32 -6.25
N TYR B 66 13.20 10.05 -5.86
CA TYR B 66 13.36 9.65 -4.47
C TYR B 66 14.53 10.33 -3.75
N VAL B 67 15.70 10.34 -4.37
CA VAL B 67 16.86 10.89 -3.66
C VAL B 67 16.90 12.41 -3.67
N ARG B 68 15.98 13.05 -4.40
CA ARG B 68 15.89 14.50 -4.38
C ARG B 68 14.56 14.98 -3.81
N VAL B 69 14.22 14.45 -2.64
CA VAL B 69 12.99 14.82 -1.96
C VAL B 69 13.02 16.30 -1.52
N ASP B 70 14.19 16.93 -1.49
CA ASP B 70 14.29 18.36 -1.24
C ASP B 70 13.63 19.18 -2.34
N ASN B 71 13.49 18.60 -3.53
CA ASN B 71 12.78 19.25 -4.63
C ASN B 71 11.27 19.04 -4.58
N TRP B 72 10.83 18.26 -3.59
CA TRP B 72 9.40 18.02 -3.42
C TRP B 72 8.91 18.68 -2.13
N VAL B 73 9.28 18.11 -0.98
CA VAL B 73 8.74 18.57 0.31
C VAL B 73 9.62 19.69 0.84
N SER B 74 9.64 20.79 0.10
N SER B 74 9.65 20.77 0.07
CA SER B 74 10.55 21.90 0.41
CA SER B 74 10.61 21.86 0.26
C SER B 74 10.14 22.72 1.63
C SER B 74 10.38 22.70 1.52
N SER B 75 8.94 22.50 2.15
N SER B 75 9.19 22.60 2.10
CA SER B 75 8.52 23.16 3.39
CA SER B 75 8.91 23.35 3.32
C SER B 75 9.19 22.52 4.61
C SER B 75 9.47 22.65 4.55
N VAL B 76 9.84 21.37 4.39
CA VAL B 76 10.34 20.55 5.50
C VAL B 76 11.80 20.16 5.27
N VAL B 77 12.13 19.82 4.02
CA VAL B 77 13.42 19.28 3.68
C VAL B 77 14.33 20.34 3.07
N LYS B 78 15.51 20.50 3.66
CA LYS B 78 16.50 21.48 3.22
C LYS B 78 17.38 20.95 2.10
N SER B 79 17.83 19.71 2.24
CA SER B 79 18.76 19.12 1.30
C SER B 79 18.64 17.60 1.32
N SER B 80 19.07 16.95 0.24
CA SER B 80 18.92 15.52 0.13
C SER B 80 19.92 14.98 -0.88
N HIS B 81 20.50 13.83 -0.59
N HIS B 81 20.48 13.81 -0.60
CA HIS B 81 21.34 13.16 -1.59
CA HIS B 81 21.44 13.18 -1.50
C HIS B 81 21.48 11.68 -1.32
C HIS B 81 21.42 11.66 -1.34
N VAL B 82 21.83 10.94 -2.37
CA VAL B 82 22.05 9.51 -2.25
C VAL B 82 23.35 9.30 -1.49
N VAL B 83 23.35 8.33 -0.56
CA VAL B 83 24.54 8.02 0.23
C VAL B 83 24.95 6.55 0.13
N SER B 84 24.09 5.72 -0.45
CA SER B 84 24.42 4.32 -0.69
C SER B 84 23.68 3.87 -1.94
N GLY B 85 24.35 3.06 -2.76
CA GLY B 85 23.73 2.55 -3.96
C GLY B 85 23.64 3.54 -5.10
N GLU B 86 22.90 3.17 -6.14
N GLU B 86 22.89 3.17 -6.13
CA GLU B 86 22.69 4.04 -7.29
CA GLU B 86 22.68 4.03 -7.29
C GLU B 86 21.38 4.81 -7.13
C GLU B 86 21.38 4.81 -7.12
N ALA B 87 21.40 6.10 -7.44
CA ALA B 87 20.24 6.96 -7.24
C ALA B 87 18.93 6.39 -7.79
N ASN B 88 17.92 6.36 -6.93
CA ASN B 88 16.56 5.92 -7.25
C ASN B 88 16.45 4.48 -7.73
N GLN B 89 17.49 3.70 -7.46
CA GLN B 89 17.45 2.27 -7.73
C GLN B 89 17.16 1.53 -6.43
N THR B 90 16.42 0.42 -6.53
N THR B 90 16.46 0.41 -6.53
CA THR B 90 16.03 -0.28 -5.32
CA THR B 90 16.09 -0.34 -5.34
C THR B 90 17.28 -0.69 -4.54
C THR B 90 17.29 -0.76 -4.52
N GLY B 91 17.19 -0.52 -3.22
CA GLY B 91 18.31 -0.77 -2.34
C GLY B 91 19.10 0.48 -1.99
N CYS B 92 18.89 1.58 -2.73
CA CYS B 92 19.67 2.78 -2.43
C CYS B 92 19.20 3.44 -1.15
N VAL B 93 20.07 4.26 -0.58
CA VAL B 93 19.76 4.98 0.65
C VAL B 93 19.93 6.46 0.39
N ARG B 94 18.91 7.24 0.75
CA ARG B 94 19.02 8.69 0.72
C ARG B 94 19.24 9.21 2.13
N ARG B 95 19.96 10.32 2.22
CA ARG B 95 20.10 11.06 3.46
C ARG B 95 19.56 12.45 3.23
N PHE B 96 18.60 12.89 4.03
CA PHE B 96 18.12 14.25 3.86
C PHE B 96 18.04 14.99 5.18
N VAL B 97 18.20 16.30 5.09
CA VAL B 97 18.26 17.19 6.25
C VAL B 97 16.98 17.99 6.34
N CYS B 98 16.37 18.00 7.53
CA CYS B 98 15.15 18.77 7.76
C CYS B 98 15.43 20.05 8.51
N TYR B 99 14.74 21.12 8.12
CA TYR B 99 14.75 22.35 8.90
C TYR B 99 14.27 22.08 10.31
N PRO B 100 14.70 22.92 11.27
CA PRO B 100 14.18 22.84 12.65
C PRO B 100 12.66 22.74 12.69
N ALA B 101 12.13 21.83 13.51
CA ALA B 101 10.70 21.57 13.58
C ALA B 101 9.94 22.75 14.16
N SER B 102 10.61 23.47 15.05
CA SER B 102 10.12 24.73 15.60
C SER B 102 11.33 25.52 16.01
N GLU B 103 11.17 26.82 16.27
CA GLU B 103 12.34 27.65 16.53
C GLU B 103 13.07 27.23 17.79
N GLY B 104 14.38 27.40 17.79
CA GLY B 104 15.21 26.97 18.90
C GLY B 104 15.70 25.55 18.74
N GLU B 105 14.98 24.77 17.94
CA GLU B 105 15.36 23.38 17.71
C GLU B 105 16.46 23.29 16.65
N SER B 106 17.10 22.13 16.57
N SER B 106 17.09 22.13 16.58
CA SER B 106 18.17 21.91 15.61
CA SER B 106 18.17 21.91 15.61
C SER B 106 17.65 21.23 14.35
C SER B 106 17.65 21.24 14.35
N GLU B 107 18.47 21.22 13.31
CA GLU B 107 18.17 20.46 12.10
C GLU B 107 18.18 18.99 12.47
N THR B 108 17.41 18.17 11.77
CA THR B 108 17.46 16.73 11.98
C THR B 108 17.71 16.03 10.66
N VAL B 109 18.08 14.75 10.75
CA VAL B 109 18.52 14.00 9.58
C VAL B 109 17.72 12.72 9.44
N ASP B 110 17.37 12.37 8.20
CA ASP B 110 16.69 11.12 7.87
C ASP B 110 17.56 10.30 6.93
N TYR B 111 17.74 9.02 7.24
CA TYR B 111 18.27 8.05 6.30
C TYR B 111 17.15 7.09 5.95
N SER B 112 16.86 6.93 4.67
CA SER B 112 15.81 6.02 4.28
C SER B 112 16.23 5.23 3.06
N GLU B 113 15.87 3.95 3.08
CA GLU B 113 16.24 3.02 2.02
C GLU B 113 15.05 2.77 1.10
N LEU B 114 15.30 2.86 -0.19
CA LEU B 114 14.33 2.47 -1.20
C LEU B 114 14.27 0.95 -1.23
N ILE B 115 13.12 0.36 -0.90
CA ILE B 115 13.09 -1.10 -0.88
C ILE B 115 12.23 -1.69 -1.99
N HIS B 116 11.56 -0.84 -2.74
CA HIS B 116 10.90 -1.26 -3.97
C HIS B 116 10.73 -0.06 -4.89
N MET B 117 10.99 -0.25 -6.18
CA MET B 117 10.76 0.83 -7.14
C MET B 117 10.28 0.28 -8.47
N ASN B 118 9.15 0.79 -8.93
CA ASN B 118 8.67 0.48 -10.27
C ASN B 118 8.26 1.79 -10.92
N ALA B 119 9.20 2.42 -11.61
CA ALA B 119 8.98 3.79 -12.05
C ALA B 119 7.94 3.87 -13.16
N ALA B 120 7.91 2.86 -14.03
CA ALA B 120 6.94 2.88 -15.12
C ALA B 120 5.52 2.67 -14.59
N ALA B 121 5.41 2.05 -13.42
CA ALA B 121 4.11 1.86 -12.76
C ALA B 121 3.86 2.92 -11.71
N HIS B 122 4.79 3.88 -11.60
CA HIS B 122 4.68 5.02 -10.68
C HIS B 122 4.44 4.62 -9.25
N GLN B 123 5.23 3.69 -8.76
CA GLN B 123 5.04 3.25 -7.39
C GLN B 123 6.37 2.84 -6.76
N TYR B 124 6.51 3.15 -5.48
CA TYR B 124 7.68 2.73 -4.73
C TYR B 124 7.43 2.61 -3.26
N MET B 125 8.42 2.08 -2.56
N MET B 125 8.40 2.03 -2.56
CA MET B 125 8.33 1.72 -1.15
CA MET B 125 8.31 1.78 -1.13
C MET B 125 9.65 2.06 -0.49
C MET B 125 9.64 2.11 -0.51
N TYR B 126 9.62 2.65 0.70
CA TYR B 126 10.86 2.99 1.40
C TYR B 126 10.71 2.82 2.89
N MET B 127 11.85 2.77 3.58
N MET B 127 11.83 2.77 3.59
CA MET B 127 11.85 2.55 5.02
CA MET B 127 11.74 2.64 5.04
C MET B 127 12.89 3.46 5.65
C MET B 127 12.87 3.40 5.69
N ILE B 128 12.59 4.00 6.83
CA ILE B 128 13.59 4.77 7.55
C ILE B 128 14.58 3.81 8.21
N VAL B 129 15.87 4.01 7.91
CA VAL B 129 16.91 3.11 8.40
C VAL B 129 17.93 3.82 9.31
N GLY B 130 17.73 5.11 9.55
CA GLY B 130 18.60 5.83 10.47
C GLY B 130 18.20 7.29 10.62
N GLY B 131 18.90 8.00 11.51
CA GLY B 131 18.69 9.43 11.67
C GLY B 131 17.84 9.78 12.86
N ASN B 132 17.68 11.08 13.09
CA ASN B 132 16.91 11.57 14.22
C ASN B 132 15.79 12.50 13.79
N ILE B 133 15.33 12.32 12.55
CA ILE B 133 14.26 13.14 12.02
C ILE B 133 13.10 13.23 12.99
N THR B 134 12.64 14.45 13.24
CA THR B 134 11.61 14.72 14.22
C THR B 134 10.37 13.86 13.99
N GLY B 135 9.93 13.17 15.03
CA GLY B 135 8.73 12.36 14.99
C GLY B 135 8.93 11.02 14.30
N PHE B 136 9.32 11.07 13.04
CA PHE B 136 9.44 9.85 12.25
C PHE B 136 10.48 8.89 12.81
N SER B 137 11.55 9.42 13.41
CA SER B 137 12.58 8.56 13.97
C SER B 137 12.12 7.89 15.28
N LEU B 138 10.97 8.31 15.81
CA LEU B 138 10.41 7.66 16.99
C LEU B 138 9.79 6.31 16.67
N MET B 139 9.39 6.12 15.42
CA MET B 139 8.69 4.90 15.04
C MET B 139 9.64 3.74 14.77
N LYS B 140 9.18 2.53 15.04
CA LYS B 140 9.98 1.34 14.80
C LYS B 140 9.66 0.77 13.43
N ASN B 141 10.67 0.66 12.57
CA ASN B 141 10.49 0.15 11.20
C ASN B 141 9.36 0.83 10.43
N TYR B 142 9.44 2.15 10.37
CA TYR B 142 8.54 2.94 9.54
C TYR B 142 8.77 2.61 8.07
N VAL B 143 7.73 2.09 7.43
CA VAL B 143 7.75 1.73 6.00
C VAL B 143 6.65 2.51 5.31
N SER B 144 6.96 3.11 4.17
CA SER B 144 5.96 3.89 3.47
C SER B 144 5.83 3.45 2.01
N ASN B 145 4.62 3.55 1.49
CA ASN B 145 4.31 3.19 0.10
C ASN B 145 3.70 4.36 -0.60
N ILE B 146 4.21 4.68 -1.79
CA ILE B 146 3.61 5.72 -2.63
C ILE B 146 3.23 5.09 -3.95
N SER B 147 1.99 5.26 -4.39
N SER B 147 2.00 5.32 -4.36
CA SER B 147 1.55 4.69 -5.67
CA SER B 147 1.46 4.79 -5.60
C SER B 147 0.65 5.67 -6.40
C SER B 147 0.77 5.93 -6.33
N LEU B 148 1.02 6.06 -7.62
CA LEU B 148 0.25 6.98 -8.44
C LEU B 148 -0.53 6.21 -9.48
N SER B 149 -1.80 6.55 -9.66
CA SER B 149 -2.62 5.94 -10.70
C SER B 149 -3.36 7.01 -11.51
N SER B 150 -3.63 6.72 -12.78
CA SER B 150 -4.41 7.61 -13.61
C SER B 150 -5.88 7.22 -13.58
N LEU B 151 -6.75 8.17 -13.30
CA LEU B 151 -8.18 7.95 -13.53
C LEU B 151 -8.40 7.83 -15.04
N PRO B 152 -9.43 7.09 -15.45
CA PRO B 152 -9.58 6.85 -16.89
C PRO B 152 -9.77 8.14 -17.68
N GLU B 153 -9.06 8.27 -18.80
CA GLU B 153 -9.16 9.46 -19.64
C GLU B 153 -10.62 9.66 -20.06
N GLU B 154 -11.30 8.55 -20.33
CA GLU B 154 -12.69 8.58 -20.77
C GLU B 154 -13.64 9.08 -19.68
N ASP B 155 -13.14 9.23 -18.45
CA ASP B 155 -13.94 9.80 -17.35
C ASP B 155 -13.48 11.19 -16.95
N GLY B 156 -12.56 11.76 -17.71
CA GLY B 156 -12.06 13.10 -17.42
C GLY B 156 -10.67 13.14 -16.81
N GLY B 157 -10.05 11.99 -16.64
CA GLY B 157 -8.68 11.92 -16.15
C GLY B 157 -8.54 12.33 -14.71
N GLY B 158 -7.33 12.73 -14.33
CA GLY B 158 -7.02 13.00 -12.93
C GLY B 158 -6.04 11.95 -12.42
N VAL B 159 -5.40 12.26 -11.30
CA VAL B 159 -4.41 11.36 -10.71
C VAL B 159 -4.86 10.95 -9.31
N ILE B 160 -4.77 9.66 -9.01
CA ILE B 160 -4.93 9.21 -7.62
C ILE B 160 -3.55 9.02 -7.00
N PHE B 161 -3.32 9.75 -5.92
CA PHE B 161 -2.09 9.66 -5.15
C PHE B 161 -2.40 8.81 -3.91
N TYR B 162 -1.83 7.61 -3.84
CA TYR B 162 -1.96 6.74 -2.67
C TYR B 162 -0.69 6.83 -1.84
N TRP B 163 -0.84 7.02 -0.52
CA TRP B 163 0.32 7.08 0.37
C TRP B 163 -0.04 6.37 1.65
N SER B 164 0.70 5.35 2.01
CA SER B 164 0.44 4.62 3.26
C SER B 164 1.72 4.45 4.05
N PHE B 165 1.55 4.15 5.33
CA PHE B 165 2.70 3.77 6.14
C PHE B 165 2.32 2.61 7.04
N THR B 166 3.35 1.87 7.46
CA THR B 166 3.20 1.01 8.63
C THR B 166 4.34 1.28 9.59
N ALA B 167 4.11 0.89 10.84
CA ALA B 167 5.16 0.88 11.84
C ALA B 167 4.91 -0.31 12.75
N GLU B 168 5.96 -0.80 13.38
CA GLU B 168 5.81 -1.89 14.34
C GLU B 168 5.45 -1.35 15.71
N PRO B 169 4.40 -1.93 16.32
CA PRO B 169 4.02 -1.52 17.67
C PRO B 169 5.21 -1.58 18.62
N ALA B 170 5.33 -0.55 19.45
CA ALA B 170 6.43 -0.46 20.40
C ALA B 170 5.92 0.23 21.65
N SER B 171 6.49 -0.14 22.78
N SER B 171 6.46 -0.14 22.79
CA SER B 171 5.99 0.30 24.08
CA SER B 171 5.92 0.32 24.06
C SER B 171 6.09 1.81 24.25
C SER B 171 6.08 1.83 24.27
N ASN B 172 7.08 2.42 23.62
CA ASN B 172 7.34 3.84 23.78
C ASN B 172 6.47 4.74 22.90
N LEU B 173 5.55 4.14 22.15
CA LEU B 173 4.69 4.93 21.26
C LEU B 173 3.27 4.39 21.25
N THR B 174 2.41 5.03 20.48
CA THR B 174 1.05 4.56 20.26
C THR B 174 0.70 4.72 18.80
N GLU B 175 -0.29 3.97 18.33
CA GLU B 175 -0.69 4.12 16.93
C GLU B 175 -1.23 5.53 16.68
N GLN B 176 -1.97 6.07 17.64
N GLN B 176 -1.98 6.06 17.65
CA GLN B 176 -2.48 7.43 17.46
CA GLN B 176 -2.49 7.42 17.54
C GLN B 176 -1.35 8.43 17.28
C GLN B 176 -1.37 8.43 17.31
N LYS B 177 -0.27 8.26 18.04
CA LYS B 177 0.88 9.16 17.90
C LYS B 177 1.49 9.04 16.52
N CYS B 178 1.59 7.81 16.02
CA CYS B 178 2.12 7.61 14.66
C CYS B 178 1.32 8.41 13.65
N ILE B 179 0.01 8.31 13.75
CA ILE B 179 -0.85 9.00 12.80
C ILE B 179 -0.74 10.53 12.95
N GLU B 180 -0.59 11.00 14.19
CA GLU B 180 -0.39 12.43 14.42
C GLU B 180 0.93 12.92 13.85
N ILE B 181 1.95 12.05 13.80
CA ILE B 181 3.22 12.39 13.19
C ILE B 181 3.11 12.42 11.66
N VAL B 182 2.49 11.38 11.12
CA VAL B 182 2.57 11.14 9.68
C VAL B 182 1.62 12.03 8.89
N PHE B 183 0.36 12.12 9.30
CA PHE B 183 -0.63 12.77 8.45
C PHE B 183 -0.36 14.26 8.16
N PRO B 184 0.10 15.03 9.15
CA PRO B 184 0.43 16.43 8.82
C PRO B 184 1.59 16.54 7.82
N LEU B 185 2.52 15.60 7.86
CA LEU B 185 3.64 15.63 6.92
C LEU B 185 3.12 15.32 5.53
N TYR B 186 2.31 14.28 5.39
CA TYR B 186 1.77 13.93 4.08
C TYR B 186 0.96 15.11 3.55
N THR B 187 0.19 15.74 4.42
CA THR B 187 -0.64 16.88 4.01
C THR B 187 0.23 18.03 3.52
N THR B 188 1.28 18.35 4.26
CA THR B 188 2.25 19.36 3.85
C THR B 188 2.89 19.02 2.51
N ALA B 189 3.22 17.75 2.33
CA ALA B 189 3.86 17.31 1.08
C ALA B 189 2.93 17.46 -0.11
N LEU B 190 1.63 17.22 0.07
CA LEU B 190 0.70 17.38 -1.06
C LEU B 190 0.58 18.87 -1.41
N LYS B 191 0.67 19.73 -0.39
N LYS B 191 0.67 19.73 -0.40
CA LYS B 191 0.63 21.17 -0.61
CA LYS B 191 0.62 21.18 -0.66
C LYS B 191 1.87 21.61 -1.39
C LYS B 191 1.88 21.63 -1.38
N ASP B 192 3.03 21.16 -0.93
CA ASP B 192 4.30 21.45 -1.60
C ASP B 192 4.33 20.94 -3.04
N LEU B 193 3.72 19.78 -3.26
CA LEU B 193 3.60 19.24 -4.61
C LEU B 193 2.91 20.24 -5.53
N CYS B 194 1.81 20.82 -5.06
CA CYS B 194 1.09 21.81 -5.86
C CYS B 194 1.96 23.01 -6.21
N THR B 195 2.72 23.49 -5.22
CA THR B 195 3.64 24.60 -5.46
C THR B 195 4.61 24.29 -6.60
N HIS B 196 5.22 23.11 -6.54
CA HIS B 196 6.21 22.73 -7.54
C HIS B 196 5.62 22.37 -8.90
N LEU B 197 4.35 22.01 -8.93
CA LEU B 197 3.64 21.76 -10.19
C LEU B 197 3.02 23.03 -10.78
N SER B 198 3.06 24.11 -10.00
CA SER B 198 2.42 25.39 -10.34
C SER B 198 0.94 25.20 -10.63
N ILE B 199 0.28 24.46 -9.76
CA ILE B 199 -1.16 24.32 -9.80
C ILE B 199 -1.74 24.75 -8.45
N PRO B 200 -3.01 25.20 -8.45
CA PRO B 200 -3.57 25.67 -7.18
C PRO B 200 -3.76 24.56 -6.16
N GLU B 201 -3.75 24.91 -4.88
CA GLU B 201 -3.91 23.92 -3.82
C GLU B 201 -5.27 23.24 -3.90
N SER B 202 -6.23 23.93 -4.51
CA SER B 202 -7.56 23.38 -4.77
C SER B 202 -7.53 22.14 -5.69
N SER B 203 -6.41 21.90 -6.34
CA SER B 203 -6.25 20.75 -7.22
C SER B 203 -6.27 19.43 -6.46
N VAL B 204 -6.00 19.47 -5.16
CA VAL B 204 -5.86 18.26 -4.36
C VAL B 204 -7.06 18.08 -3.45
N THR B 205 -7.63 16.87 -3.45
CA THR B 205 -8.75 16.53 -2.57
C THR B 205 -8.47 15.21 -1.89
N LEU B 206 -8.45 15.21 -0.56
CA LEU B 206 -8.33 13.97 0.20
C LEU B 206 -9.63 13.17 0.03
N LEU B 207 -9.52 11.91 -0.36
CA LEU B 207 -10.71 11.09 -0.56
C LEU B 207 -11.23 10.53 0.76
N ASP B 208 -12.54 10.43 0.86
CA ASP B 208 -13.15 9.77 2.01
C ASP B 208 -12.78 8.29 1.97
N ASP B 209 -12.39 7.76 3.13
CA ASP B 209 -12.08 6.34 3.26
C ASP B 209 -13.25 5.61 3.91
C1' HBX C . -4.51 -13.84 -1.59
O1' HBX C . -4.38 -12.65 -1.68
C1 HBX C . -5.76 -14.59 -1.97
C2 HBX C . -7.00 -14.03 -1.62
C3 HBX C . -8.17 -14.70 -1.95
C4 HBX C . -8.13 -15.93 -2.62
C5 HBX C . -6.90 -16.47 -2.95
C6 HBX C . -5.71 -15.80 -2.63
C1 MXN D . -5.83 -14.87 -1.72
C2 MXN D . -5.77 -16.02 -2.53
C3 MXN D . -6.92 -16.55 -3.10
C4 MXN D . -8.15 -15.96 -2.87
C5 MXN D . -8.25 -14.83 -2.08
C6 MXN D . -7.09 -14.28 -1.50
C7 MXN D . -4.51 -14.31 -1.08
C8 MXN D . -4.39 -14.65 0.38
N9 MXN D . -4.32 -14.92 1.51
O10 MXN D . -4.42 -12.92 -1.26
C1' HBX E . 8.54 10.18 5.14
O1' HBX E . 7.52 9.70 4.74
C1 HBX E . 9.00 11.59 4.88
C2 HBX E . 9.25 12.43 5.99
C3 HBX E . 9.69 13.74 5.79
C4 HBX E . 9.89 14.25 4.50
C5 HBX E . 9.65 13.41 3.42
C6 HBX E . 9.20 12.09 3.60
C1 MXN F . 9.32 11.68 5.05
C2 MXN F . 9.53 12.67 6.03
C3 MXN F . 9.68 14.00 5.69
C4 MXN F . 9.64 14.39 4.35
C5 MXN F . 9.44 13.44 3.36
C6 MXN F . 9.30 12.09 3.71
C7 MXN F . 9.18 10.18 5.49
C8 MXN F . 10.45 9.41 5.33
N9 MXN F . 11.44 8.83 5.20
O10 MXN F . 8.14 9.54 4.78
#